data_4DOD
#
_entry.id   4DOD
#
_cell.length_a   147.732
_cell.length_b   147.732
_cell.length_c   59.017
_cell.angle_alpha   90.00
_cell.angle_beta   90.00
_cell.angle_gamma   120.00
#
_symmetry.space_group_name_H-M   'P 31 2 1'
#
loop_
_entity.id
_entity.type
_entity.pdbx_description
1 polymer 1,4-beta-glucanase
2 non-polymer '1,4-DIETHYLENE DIOXIDE'
3 non-polymer 'CALCIUM ION'
4 non-polymer 1,2-ETHANEDIOL
5 non-polymer GLYCEROL
6 non-polymer 'SULFATE ION'
7 water water
#
_entity_poly.entity_id   1
_entity_poly.type   'polypeptide(L)'
_entity_poly.pdbx_seq_one_letter_code
;MGSSHHHHHHSSGLVPRGSHMASGSFNYGEALQKAIMFYEFQMSGKLPNWVRNNWRGDSALKDGQDNGLDLTGGWFDAGD
HVKFNLPMSYTGTMLSWAVYEYKDAFVKSGQLEHILNQIEWVNDYFVKCHPSKYVYYYQVGDGSKDHAWWGPAEVMQMER
PSFKVTQSSPGSTVVAETAASLAAASIVLKDRNPTKAATYLQHAKELYEFAEVTKSDAGYTAANGYYNSWSGFYDELSWA
AVWLYLATNDSTYLTKAESYVQNWPKISGSNTIDYKWAHCWDDVHNGAALLLAKITGKDIYKQIIESHLDYWTTGYNGER
IKYTPKGLAWLDQWGSLRYATTTAFLAFVYSDWVGCPSTKKEIYRKFGESQIDYALGSAGRSFVVGFGTNPPKRPHHRTA
HSSWADSQSIPSYHRHTLYGALVGGPGSDDSYTDDISNYVNNEVACDYNAGFVGALAKMYQLYGGNPIPDFKAIE
;
_entity_poly.pdbx_strand_id   A
#
# COMPACT_ATOMS: atom_id res chain seq x y z
N ALA A 22 24.54 -6.21 -10.23
CA ALA A 22 24.21 -7.23 -9.17
C ALA A 22 25.32 -7.32 -8.11
N SER A 23 25.16 -6.58 -7.00
CA SER A 23 26.19 -6.51 -5.94
C SER A 23 25.70 -6.89 -4.54
N GLY A 24 24.47 -7.40 -4.44
CA GLY A 24 23.75 -7.51 -3.16
C GLY A 24 23.42 -8.95 -2.84
N SER A 25 22.76 -9.23 -1.71
CA SER A 25 22.60 -10.67 -1.39
C SER A 25 21.46 -11.34 -2.20
N PHE A 26 20.62 -10.56 -2.88
CA PHE A 26 19.39 -11.10 -3.47
C PHE A 26 19.21 -10.44 -4.84
N ASN A 27 18.41 -11.04 -5.70
CA ASN A 27 18.10 -10.43 -6.96
C ASN A 27 16.92 -9.44 -6.76
N TYR A 28 17.25 -8.18 -6.49
CA TYR A 28 16.27 -7.18 -6.15
C TYR A 28 15.43 -6.78 -7.34
N GLY A 29 15.97 -6.88 -8.56
CA GLY A 29 15.17 -6.59 -9.74
C GLY A 29 14.04 -7.58 -10.02
N GLU A 30 14.41 -8.84 -9.86
CA GLU A 30 13.43 -9.96 -9.91
C GLU A 30 12.40 -9.74 -8.79
N ALA A 31 12.88 -9.40 -7.61
CA ALA A 31 11.93 -9.24 -6.47
C ALA A 31 10.96 -8.09 -6.77
N LEU A 32 11.50 -6.94 -7.23
CA LEU A 32 10.70 -5.75 -7.62
C LEU A 32 9.69 -6.11 -8.69
N GLN A 33 10.14 -6.80 -9.69
CA GLN A 33 9.30 -7.17 -10.82
C GLN A 33 8.13 -8.03 -10.37
N LYS A 34 8.40 -8.99 -9.50
CA LYS A 34 7.35 -9.87 -9.01
C LYS A 34 6.42 -9.12 -8.01
N ALA A 35 7.00 -8.24 -7.18
CA ALA A 35 6.23 -7.52 -6.17
C ALA A 35 5.19 -6.56 -6.81
N ILE A 36 5.53 -6.07 -8.01
CA ILE A 36 4.59 -5.24 -8.85
C ILE A 36 3.55 -6.12 -9.53
N MET A 37 4.04 -7.25 -10.04
CA MET A 37 3.16 -8.24 -10.66
C MET A 37 2.08 -8.78 -9.77
N PHE A 38 2.36 -8.92 -8.47
CA PHE A 38 1.36 -9.32 -7.50
C PHE A 38 0.03 -8.59 -7.72
N TYR A 39 0.10 -7.29 -8.03
CA TYR A 39 -1.13 -6.49 -8.16
C TYR A 39 -1.99 -6.98 -9.34
N GLU A 40 -1.35 -7.50 -10.38
CA GLU A 40 -2.16 -8.18 -11.45
C GLU A 40 -3.09 -9.18 -10.91
N PHE A 41 -2.63 -10.04 -9.98
CA PHE A 41 -3.42 -11.12 -9.51
C PHE A 41 -4.60 -10.67 -8.63
N GLN A 42 -4.56 -9.42 -8.15
CA GLN A 42 -5.60 -8.86 -7.34
C GLN A 42 -6.65 -8.10 -8.19
N MET A 43 -6.44 -8.03 -9.48
CA MET A 43 -7.31 -7.25 -10.32
C MET A 43 -8.72 -7.76 -10.38
N SER A 44 -9.66 -6.82 -10.32
CA SER A 44 -11.07 -7.15 -10.33
C SER A 44 -11.66 -6.47 -11.58
N GLY A 45 -12.66 -7.10 -12.16
CA GLY A 45 -13.39 -6.52 -13.31
C GLY A 45 -12.97 -7.07 -14.64
N LYS A 46 -13.13 -6.26 -15.68
CA LYS A 46 -12.84 -6.70 -17.05
C LYS A 46 -11.38 -6.50 -17.37
N LEU A 47 -10.64 -7.57 -17.52
CA LEU A 47 -9.18 -7.46 -17.60
C LEU A 47 -8.69 -6.87 -18.94
N PRO A 48 -7.83 -5.86 -18.88
CA PRO A 48 -7.37 -5.23 -20.08
C PRO A 48 -6.28 -6.08 -20.77
N ASN A 49 -6.01 -5.80 -22.03
N ASN A 49 -5.95 -5.65 -21.99
CA ASN A 49 -5.00 -6.61 -22.79
CA ASN A 49 -5.03 -6.40 -22.85
C ASN A 49 -3.55 -6.48 -22.34
C ASN A 49 -3.65 -6.54 -22.27
N TRP A 50 -3.23 -5.59 -21.43
CA TRP A 50 -1.87 -5.53 -20.98
C TRP A 50 -1.53 -6.48 -19.84
N VAL A 51 -2.52 -7.16 -19.29
CA VAL A 51 -2.33 -8.10 -18.22
C VAL A 51 -1.44 -9.19 -18.77
N ARG A 52 -0.39 -9.52 -18.03
CA ARG A 52 0.58 -10.53 -18.44
C ARG A 52 0.14 -11.98 -18.23
N ASN A 53 -0.51 -12.31 -17.15
CA ASN A 53 -0.79 -13.67 -16.83
C ASN A 53 -1.95 -14.19 -17.64
N ASN A 54 -2.11 -15.52 -17.72
CA ASN A 54 -3.23 -16.10 -18.44
C ASN A 54 -4.12 -16.90 -17.54
N TRP A 55 -4.12 -16.70 -16.22
CA TRP A 55 -4.94 -17.54 -15.34
C TRP A 55 -6.00 -16.84 -14.57
N ARG A 56 -5.89 -15.50 -14.46
CA ARG A 56 -6.96 -14.68 -13.98
C ARG A 56 -7.88 -14.40 -15.19
N GLY A 57 -9.15 -14.25 -14.87
CA GLY A 57 -10.16 -13.88 -15.90
C GLY A 57 -11.06 -12.77 -15.39
N ASP A 58 -11.99 -12.36 -16.24
CA ASP A 58 -12.98 -11.33 -15.88
C ASP A 58 -13.75 -11.79 -14.64
N SER A 59 -14.03 -10.85 -13.74
CA SER A 59 -14.72 -11.14 -12.48
C SER A 59 -15.46 -9.85 -12.03
N ALA A 60 -16.43 -10.04 -11.15
CA ALA A 60 -17.12 -8.93 -10.47
C ALA A 60 -17.65 -7.92 -11.46
N LEU A 61 -18.19 -8.42 -12.58
CA LEU A 61 -18.51 -7.54 -13.70
C LEU A 61 -19.77 -6.68 -13.45
N LYS A 62 -20.55 -7.08 -12.49
CA LYS A 62 -21.77 -6.33 -12.09
C LYS A 62 -21.56 -5.35 -10.94
N ASP A 63 -20.30 -5.21 -10.51
CA ASP A 63 -20.00 -4.26 -9.41
C ASP A 63 -20.53 -2.86 -9.73
N GLY A 64 -21.23 -2.30 -8.76
CA GLY A 64 -21.88 -0.99 -9.00
C GLY A 64 -23.34 -1.02 -9.49
N GLN A 65 -23.79 -2.15 -10.01
N GLN A 65 -23.75 -2.16 -10.07
CA GLN A 65 -25.06 -2.15 -10.74
CA GLN A 65 -25.06 -2.29 -10.74
C GLN A 65 -26.23 -2.04 -9.80
C GLN A 65 -26.21 -2.01 -9.80
N ASP A 66 -26.05 -2.42 -8.55
CA ASP A 66 -27.04 -2.19 -7.50
C ASP A 66 -27.28 -0.69 -7.23
N ASN A 67 -26.40 0.18 -7.73
CA ASN A 67 -26.48 1.64 -7.59
C ASN A 67 -26.40 2.37 -8.91
N GLY A 68 -26.63 1.64 -10.03
CA GLY A 68 -26.72 2.20 -11.35
C GLY A 68 -25.46 2.72 -12.02
N LEU A 69 -24.31 2.19 -11.58
N LEU A 69 -24.30 2.30 -11.54
CA LEU A 69 -22.99 2.67 -11.96
CA LEU A 69 -23.09 2.69 -12.24
C LEU A 69 -22.08 1.52 -12.34
C LEU A 69 -22.09 1.56 -12.35
N ASP A 70 -21.10 1.82 -13.19
CA ASP A 70 -20.03 0.88 -13.43
C ASP A 70 -18.96 1.13 -12.33
N LEU A 71 -18.87 0.26 -11.34
CA LEU A 71 -17.85 0.34 -10.25
C LEU A 71 -16.90 -0.84 -10.41
N THR A 72 -16.85 -1.38 -11.63
CA THR A 72 -15.91 -2.50 -11.92
C THR A 72 -14.49 -1.93 -11.92
N GLY A 73 -13.52 -2.82 -11.61
CA GLY A 73 -12.13 -2.47 -11.61
C GLY A 73 -11.53 -2.52 -10.20
N GLY A 74 -10.34 -1.99 -10.11
CA GLY A 74 -9.64 -1.93 -8.83
C GLY A 74 -9.00 -3.25 -8.50
N TRP A 75 -8.72 -3.42 -7.20
CA TRP A 75 -8.16 -4.60 -6.66
C TRP A 75 -8.96 -5.18 -5.56
N PHE A 76 -9.11 -6.49 -5.59
CA PHE A 76 -9.53 -7.26 -4.46
C PHE A 76 -8.47 -7.05 -3.34
N ASP A 77 -8.94 -6.89 -2.12
CA ASP A 77 -8.04 -6.43 -1.07
C ASP A 77 -6.90 -7.40 -0.68
N ALA A 78 -7.22 -8.64 -0.31
CA ALA A 78 -6.26 -9.48 0.40
C ALA A 78 -6.44 -10.86 -0.20
N GLY A 79 -6.78 -11.86 0.62
CA GLY A 79 -7.10 -13.20 0.11
C GLY A 79 -8.56 -13.43 -0.22
N ASP A 80 -9.27 -12.31 -0.18
CA ASP A 80 -10.69 -12.22 -0.33
C ASP A 80 -11.05 -11.45 -1.62
N HIS A 81 -12.35 -11.13 -1.80
CA HIS A 81 -12.83 -10.42 -2.96
C HIS A 81 -13.61 -9.14 -2.67
N VAL A 82 -13.50 -8.65 -1.43
CA VAL A 82 -14.07 -7.32 -1.13
C VAL A 82 -13.13 -6.30 -1.70
N LYS A 83 -13.67 -5.26 -2.29
CA LYS A 83 -12.96 -4.04 -2.59
C LYS A 83 -13.14 -3.01 -1.46
N PHE A 84 -12.10 -2.79 -0.67
CA PHE A 84 -12.12 -1.92 0.52
C PHE A 84 -11.29 -0.73 0.11
N ASN A 85 -11.90 0.42 -0.14
CA ASN A 85 -11.15 1.46 -0.79
C ASN A 85 -10.13 2.18 0.12
N LEU A 86 -10.23 2.03 1.44
CA LEU A 86 -9.16 2.69 2.28
C LEU A 86 -7.78 2.03 2.08
N PRO A 87 -7.66 0.71 2.23
CA PRO A 87 -6.32 0.18 1.98
C PRO A 87 -5.99 0.19 0.49
N MET A 88 -7.04 0.19 -0.35
CA MET A 88 -6.80 0.22 -1.77
C MET A 88 -6.19 1.54 -2.21
N SER A 89 -6.70 2.64 -1.67
CA SER A 89 -6.23 3.99 -1.97
C SER A 89 -4.89 4.30 -1.30
N TYR A 90 -4.72 3.82 -0.08
CA TYR A 90 -3.38 3.84 0.52
C TYR A 90 -2.34 3.23 -0.39
N THR A 91 -2.64 2.05 -0.90
CA THR A 91 -1.75 1.34 -1.82
C THR A 91 -1.45 2.14 -3.08
N GLY A 92 -2.51 2.74 -3.63
CA GLY A 92 -2.38 3.64 -4.75
C GLY A 92 -1.42 4.77 -4.53
N THR A 93 -1.55 5.41 -3.37
CA THR A 93 -0.67 6.53 -3.08
C THR A 93 0.79 6.06 -2.97
N MET A 94 0.95 4.95 -2.29
CA MET A 94 2.28 4.40 -2.02
C MET A 94 2.98 4.01 -3.31
N LEU A 95 2.24 3.43 -4.24
CA LEU A 95 2.85 3.02 -5.49
C LEU A 95 3.32 4.26 -6.29
N SER A 96 2.52 5.31 -6.33
CA SER A 96 2.94 6.59 -6.95
C SER A 96 4.08 7.20 -6.19
N TRP A 97 4.11 7.08 -4.85
CA TRP A 97 5.24 7.65 -4.11
C TRP A 97 6.57 6.97 -4.48
N ALA A 98 6.50 5.64 -4.68
CA ALA A 98 7.63 4.86 -5.10
C ALA A 98 8.20 5.38 -6.41
N VAL A 99 7.34 5.64 -7.38
CA VAL A 99 7.76 6.27 -8.68
C VAL A 99 8.28 7.67 -8.53
N TYR A 100 7.63 8.43 -7.64
CA TYR A 100 8.02 9.82 -7.42
C TYR A 100 9.45 9.84 -6.87
N GLU A 101 9.79 8.89 -6.00
CA GLU A 101 11.15 8.88 -5.41
C GLU A 101 12.20 8.22 -6.31
N TYR A 102 11.86 7.10 -6.93
CA TYR A 102 12.84 6.19 -7.52
C TYR A 102 12.52 5.85 -8.98
N LYS A 103 11.96 6.80 -9.72
CA LYS A 103 11.66 6.62 -11.13
C LYS A 103 12.79 5.98 -11.94
N ASP A 104 13.99 6.47 -11.75
N ASP A 104 14.03 6.44 -11.78
CA ASP A 104 15.15 5.95 -12.48
CA ASP A 104 15.18 5.82 -12.50
C ASP A 104 15.48 4.43 -12.24
C ASP A 104 15.20 4.30 -12.32
N ALA A 105 15.12 3.89 -11.07
CA ALA A 105 15.26 2.49 -10.75
C ALA A 105 14.20 1.72 -11.52
N PHE A 106 12.98 2.27 -11.62
CA PHE A 106 11.90 1.68 -12.37
C PHE A 106 12.22 1.63 -13.87
N VAL A 107 12.88 2.69 -14.33
CA VAL A 107 13.26 2.78 -15.77
C VAL A 107 14.37 1.77 -16.06
N LYS A 108 15.36 1.71 -15.20
CA LYS A 108 16.52 0.87 -15.44
C LYS A 108 16.15 -0.60 -15.40
N SER A 109 15.21 -0.96 -14.52
CA SER A 109 14.78 -2.33 -14.37
C SER A 109 13.69 -2.70 -15.34
N GLY A 110 13.23 -1.80 -16.19
CA GLY A 110 12.14 -2.12 -17.09
C GLY A 110 10.76 -2.26 -16.45
N GLN A 111 10.62 -1.76 -15.22
CA GLN A 111 9.42 -1.96 -14.43
C GLN A 111 8.48 -0.72 -14.39
N LEU A 112 8.92 0.40 -14.97
CA LEU A 112 8.11 1.60 -14.92
C LEU A 112 6.75 1.37 -15.58
N GLU A 113 6.74 0.76 -16.75
N GLU A 113 6.73 0.78 -16.77
CA GLU A 113 5.50 0.61 -17.49
CA GLU A 113 5.44 0.64 -17.44
C GLU A 113 4.49 -0.24 -16.71
C GLU A 113 4.48 -0.18 -16.63
N HIS A 114 5.00 -1.23 -15.99
CA HIS A 114 4.15 -2.09 -15.17
C HIS A 114 3.60 -1.43 -13.94
N ILE A 115 4.40 -0.66 -13.23
CA ILE A 115 3.85 -0.03 -12.06
C ILE A 115 2.85 1.10 -12.48
N LEU A 116 3.18 1.83 -13.55
CA LEU A 116 2.25 2.83 -14.05
C LEU A 116 0.96 2.22 -14.46
N ASN A 117 1.00 1.06 -15.11
CA ASN A 117 -0.24 0.36 -15.47
C ASN A 117 -1.13 0.12 -14.23
N GLN A 118 -0.51 -0.35 -13.13
CA GLN A 118 -1.26 -0.65 -11.92
C GLN A 118 -1.80 0.64 -11.27
N ILE A 119 -0.97 1.71 -11.28
CA ILE A 119 -1.38 3.02 -10.71
C ILE A 119 -2.58 3.59 -11.53
N GLU A 120 -2.51 3.45 -12.86
CA GLU A 120 -3.63 3.89 -13.72
C GLU A 120 -4.86 3.06 -13.48
N TRP A 121 -4.69 1.75 -13.32
CA TRP A 121 -5.76 0.87 -13.10
C TRP A 121 -6.53 1.26 -11.87
N VAL A 122 -5.82 1.42 -10.75
CA VAL A 122 -6.54 1.58 -9.47
C VAL A 122 -7.22 2.99 -9.42
N ASN A 123 -6.52 4.01 -9.91
CA ASN A 123 -7.05 5.37 -9.92
C ASN A 123 -8.19 5.56 -10.91
N ASP A 124 -8.21 4.79 -11.99
CA ASP A 124 -9.39 4.76 -12.85
C ASP A 124 -10.66 4.27 -12.11
N TYR A 125 -10.50 3.28 -11.23
CA TYR A 125 -11.54 2.77 -10.35
C TYR A 125 -11.98 3.86 -9.34
N PHE A 126 -11.02 4.57 -8.73
CA PHE A 126 -11.41 5.70 -7.85
C PHE A 126 -12.25 6.78 -8.55
N VAL A 127 -11.93 7.06 -9.80
CA VAL A 127 -12.71 8.03 -10.61
C VAL A 127 -14.12 7.52 -10.81
N LYS A 128 -14.26 6.22 -11.09
CA LYS A 128 -15.57 5.58 -11.20
C LYS A 128 -16.35 5.73 -9.93
N CYS A 129 -15.66 5.53 -8.80
CA CYS A 129 -16.28 5.64 -7.48
C CYS A 129 -16.72 7.07 -7.10
N HIS A 130 -16.37 8.05 -7.92
CA HIS A 130 -16.66 9.48 -7.64
C HIS A 130 -17.58 10.05 -8.71
N PRO A 131 -18.89 9.67 -8.65
N PRO A 131 -18.83 9.65 -8.75
CA PRO A 131 -19.94 10.02 -9.64
CA PRO A 131 -19.64 10.17 -9.89
C PRO A 131 -20.70 11.34 -9.42
C PRO A 131 -19.91 11.70 -9.81
N SER A 132 -20.64 11.93 -8.22
N SER A 132 -19.78 12.24 -8.61
CA SER A 132 -21.01 13.38 -7.93
CA SER A 132 -20.47 13.43 -8.21
C SER A 132 -19.97 13.95 -6.94
C SER A 132 -19.50 14.01 -7.21
N LYS A 133 -19.67 15.28 -6.98
CA LYS A 133 -18.69 15.94 -6.19
C LYS A 133 -18.61 15.43 -4.74
N TYR A 134 -19.75 15.29 -4.11
CA TYR A 134 -19.87 14.81 -2.70
C TYR A 134 -20.57 13.47 -2.60
N VAL A 135 -20.29 12.59 -3.57
CA VAL A 135 -20.71 11.18 -3.49
C VAL A 135 -19.51 10.29 -3.84
N TYR A 136 -19.09 9.44 -2.88
CA TYR A 136 -17.96 8.56 -3.10
C TYR A 136 -18.26 7.16 -2.62
N TYR A 137 -18.18 6.21 -3.56
CA TYR A 137 -18.33 4.83 -3.24
C TYR A 137 -17.03 4.26 -2.69
N TYR A 138 -17.10 3.65 -1.52
CA TYR A 138 -15.88 3.28 -0.77
C TYR A 138 -15.74 1.79 -0.60
N GLN A 139 -16.71 1.01 -1.06
CA GLN A 139 -16.67 -0.43 -0.90
C GLN A 139 -17.57 -1.09 -1.91
N VAL A 140 -17.07 -2.23 -2.44
CA VAL A 140 -17.92 -3.15 -3.16
C VAL A 140 -17.65 -4.53 -2.60
N GLY A 141 -18.71 -5.14 -2.11
CA GLY A 141 -18.70 -6.42 -1.45
C GLY A 141 -19.06 -6.34 -0.01
N ASP A 142 -19.69 -7.38 0.49
N ASP A 142 -19.53 -7.45 0.53
CA ASP A 142 -20.07 -7.52 1.89
CA ASP A 142 -20.03 -7.53 1.89
C ASP A 142 -19.05 -8.43 2.52
C ASP A 142 -19.17 -8.53 2.65
N GLY A 143 -18.44 -8.04 3.65
CA GLY A 143 -17.33 -8.84 4.23
C GLY A 143 -17.78 -10.23 4.64
N SER A 144 -18.90 -10.28 5.33
N SER A 144 -18.91 -10.23 5.34
CA SER A 144 -19.45 -11.55 5.77
CA SER A 144 -19.56 -11.45 5.78
C SER A 144 -19.83 -12.49 4.62
C SER A 144 -19.79 -12.43 4.65
N LYS A 145 -20.49 -11.99 3.61
CA LYS A 145 -20.89 -12.89 2.52
C LYS A 145 -19.66 -13.30 1.72
N ASP A 146 -18.79 -12.33 1.44
CA ASP A 146 -17.58 -12.63 0.65
C ASP A 146 -16.71 -13.64 1.35
N HIS A 147 -16.50 -13.46 2.65
CA HIS A 147 -15.58 -14.36 3.36
C HIS A 147 -16.11 -15.74 3.63
N ALA A 148 -17.42 -15.91 3.59
CA ALA A 148 -18.07 -17.20 3.86
C ALA A 148 -17.89 -18.22 2.72
N TRP A 149 -17.40 -17.80 1.57
CA TRP A 149 -17.22 -18.70 0.46
C TRP A 149 -15.75 -18.74 0.06
N TRP A 150 -15.30 -19.95 -0.27
CA TRP A 150 -13.92 -20.23 -0.62
C TRP A 150 -13.83 -20.72 -2.04
N GLY A 151 -13.55 -19.81 -2.96
CA GLY A 151 -13.41 -20.18 -4.39
C GLY A 151 -12.87 -18.99 -5.17
N PRO A 152 -12.66 -19.16 -6.46
CA PRO A 152 -12.00 -18.16 -7.24
C PRO A 152 -12.96 -16.99 -7.60
N ALA A 153 -12.39 -15.83 -7.84
CA ALA A 153 -13.09 -14.57 -8.10
C ALA A 153 -14.08 -14.74 -9.27
N GLU A 154 -13.60 -15.46 -10.29
CA GLU A 154 -14.33 -15.51 -11.54
C GLU A 154 -15.66 -16.17 -11.44
N VAL A 155 -15.91 -16.97 -10.39
CA VAL A 155 -17.15 -17.72 -10.28
C VAL A 155 -18.00 -17.35 -9.08
N MET A 156 -17.70 -16.20 -8.45
CA MET A 156 -18.51 -15.73 -7.37
C MET A 156 -19.98 -15.63 -7.80
N GLN A 157 -20.87 -16.03 -6.91
CA GLN A 157 -22.31 -15.96 -7.11
C GLN A 157 -23.02 -15.13 -6.06
N MET A 158 -22.38 -14.75 -4.95
CA MET A 158 -23.08 -14.04 -3.90
C MET A 158 -23.31 -12.61 -4.28
N GLU A 159 -24.24 -11.95 -3.60
CA GLU A 159 -24.44 -10.52 -3.81
C GLU A 159 -23.18 -9.75 -3.38
N ARG A 160 -22.90 -8.69 -4.13
CA ARG A 160 -21.81 -7.81 -3.88
C ARG A 160 -22.32 -6.36 -3.83
N PRO A 161 -22.89 -5.97 -2.70
CA PRO A 161 -23.45 -4.63 -2.58
C PRO A 161 -22.37 -3.55 -2.68
N SER A 162 -22.72 -2.39 -3.17
CA SER A 162 -21.80 -1.25 -3.14
C SER A 162 -22.27 -0.19 -2.12
N PHE A 163 -21.30 0.57 -1.58
CA PHE A 163 -21.51 1.47 -0.44
C PHE A 163 -20.87 2.80 -0.69
N LYS A 164 -21.56 3.88 -0.28
CA LYS A 164 -21.15 5.21 -0.56
C LYS A 164 -21.23 6.09 0.69
N VAL A 165 -20.37 7.07 0.70
CA VAL A 165 -20.46 8.19 1.64
C VAL A 165 -20.96 9.43 0.88
N THR A 166 -21.60 10.34 1.62
CA THR A 166 -22.13 11.55 1.07
C THR A 166 -21.95 12.64 2.15
N GLN A 167 -22.41 13.83 1.87
CA GLN A 167 -22.26 14.93 2.80
C GLN A 167 -23.03 14.71 4.12
N SER A 168 -24.18 14.07 4.04
CA SER A 168 -24.94 13.78 5.18
C SER A 168 -24.50 12.48 5.82
N SER A 169 -23.70 11.64 5.13
CA SER A 169 -23.30 10.35 5.67
C SER A 169 -21.79 10.10 5.31
N PRO A 170 -20.87 10.85 5.95
CA PRO A 170 -19.54 11.10 5.42
C PRO A 170 -18.48 10.07 5.76
N GLY A 171 -17.36 10.18 5.04
CA GLY A 171 -16.21 9.25 5.25
C GLY A 171 -14.90 9.99 4.94
N SER A 172 -14.57 11.01 5.73
CA SER A 172 -13.39 11.83 5.48
C SER A 172 -12.09 11.03 5.34
N THR A 173 -11.92 9.95 6.09
CA THR A 173 -10.66 9.19 6.09
C THR A 173 -10.45 8.56 4.70
N VAL A 174 -11.47 7.86 4.22
CA VAL A 174 -11.35 7.15 2.90
C VAL A 174 -11.33 8.15 1.78
N VAL A 175 -12.14 9.21 1.89
CA VAL A 175 -12.20 10.21 0.83
C VAL A 175 -10.85 10.88 0.67
N ALA A 176 -10.22 11.24 1.81
CA ALA A 176 -8.97 11.94 1.82
C ALA A 176 -7.82 11.04 1.31
N GLU A 177 -7.85 9.80 1.75
CA GLU A 177 -6.82 8.86 1.24
C GLU A 177 -6.96 8.65 -0.26
N THR A 178 -8.18 8.62 -0.75
CA THR A 178 -8.44 8.56 -2.19
C THR A 178 -7.99 9.79 -2.94
N ALA A 179 -8.21 10.96 -2.33
CA ALA A 179 -7.66 12.21 -2.87
C ALA A 179 -6.12 12.13 -3.02
N ALA A 180 -5.47 11.57 -1.97
CA ALA A 180 -4.03 11.46 -2.00
C ALA A 180 -3.58 10.62 -3.18
N SER A 181 -4.25 9.51 -3.36
CA SER A 181 -3.91 8.53 -4.41
C SER A 181 -3.98 9.20 -5.81
N LEU A 182 -5.08 9.92 -6.00
CA LEU A 182 -5.30 10.58 -7.28
C LEU A 182 -4.37 11.73 -7.51
N ALA A 183 -4.07 12.50 -6.44
CA ALA A 183 -3.10 13.59 -6.61
C ALA A 183 -1.69 13.04 -6.94
N ALA A 184 -1.26 12.02 -6.21
CA ALA A 184 0.05 11.40 -6.50
C ALA A 184 0.06 10.84 -7.92
N ALA A 185 -1.00 10.15 -8.30
CA ALA A 185 -1.04 9.56 -9.67
C ALA A 185 -0.96 10.66 -10.73
N SER A 186 -1.60 11.82 -10.44
CA SER A 186 -1.56 12.95 -11.40
C SER A 186 -0.17 13.43 -11.69
N ILE A 187 0.73 13.30 -10.72
CA ILE A 187 2.14 13.65 -10.91
C ILE A 187 2.84 12.62 -11.79
N VAL A 188 2.78 11.35 -11.38
CA VAL A 188 3.61 10.32 -11.98
C VAL A 188 3.07 9.80 -13.30
N LEU A 189 1.80 10.06 -13.59
N LEU A 189 1.80 10.03 -13.60
CA LEU A 189 1.21 9.60 -14.87
CA LEU A 189 1.28 9.59 -14.90
C LEU A 189 1.10 10.75 -15.90
C LEU A 189 1.25 10.70 -15.95
N LYS A 190 1.58 11.92 -15.54
CA LYS A 190 1.41 13.10 -16.40
C LYS A 190 2.17 12.92 -17.75
N ASP A 191 3.38 12.38 -17.70
CA ASP A 191 4.14 12.20 -18.93
C ASP A 191 3.47 11.22 -19.86
N ARG A 192 3.07 10.08 -19.36
CA ARG A 192 2.43 9.08 -20.18
C ARG A 192 1.01 9.41 -20.64
N ASN A 193 0.20 10.01 -19.78
CA ASN A 193 -1.20 10.28 -20.06
C ASN A 193 -1.68 11.60 -19.44
N PRO A 194 -1.32 12.74 -20.07
CA PRO A 194 -1.57 14.01 -19.43
C PRO A 194 -3.04 14.29 -19.28
N THR A 195 -3.86 13.75 -20.19
N THR A 195 -3.90 13.77 -20.17
CA THR A 195 -5.26 13.95 -20.07
CA THR A 195 -5.33 14.01 -19.99
C THR A 195 -5.78 13.27 -18.84
C THR A 195 -5.91 13.22 -18.85
N LYS A 196 -5.44 11.99 -18.69
CA LYS A 196 -5.94 11.27 -17.51
C LYS A 196 -5.40 11.91 -16.20
N ALA A 197 -4.13 12.31 -16.19
CA ALA A 197 -3.51 12.93 -15.03
C ALA A 197 -4.39 14.17 -14.63
N ALA A 198 -4.80 14.98 -15.63
CA ALA A 198 -5.58 16.20 -15.35
C ALA A 198 -6.90 15.80 -14.73
N THR A 199 -7.50 14.71 -15.20
CA THR A 199 -8.78 14.23 -14.65
C THR A 199 -8.58 13.79 -13.19
N TYR A 200 -7.51 13.03 -12.94
CA TYR A 200 -7.24 12.60 -11.59
C TYR A 200 -7.08 13.83 -10.65
N LEU A 201 -6.35 14.85 -11.06
CA LEU A 201 -6.11 15.99 -10.21
C LEU A 201 -7.42 16.72 -9.86
N GLN A 202 -8.31 16.88 -10.84
CA GLN A 202 -9.60 17.47 -10.59
C GLN A 202 -10.42 16.69 -9.59
N HIS A 203 -10.48 15.36 -9.73
CA HIS A 203 -11.17 14.54 -8.75
C HIS A 203 -10.50 14.60 -7.40
N ALA A 204 -9.17 14.71 -7.38
CA ALA A 204 -8.46 14.75 -6.11
C ALA A 204 -8.90 16.04 -5.35
N LYS A 205 -8.89 17.15 -6.10
CA LYS A 205 -9.22 18.45 -5.49
C LYS A 205 -10.64 18.41 -4.92
N GLU A 206 -11.58 17.83 -5.69
CA GLU A 206 -12.94 17.70 -5.21
C GLU A 206 -13.07 16.82 -3.99
N LEU A 207 -12.50 15.62 -4.06
CA LEU A 207 -12.57 14.75 -2.93
C LEU A 207 -11.94 15.36 -1.66
N TYR A 208 -10.84 16.08 -1.80
CA TYR A 208 -10.24 16.79 -0.66
C TYR A 208 -11.23 17.79 -0.01
N GLU A 209 -11.87 18.59 -0.85
CA GLU A 209 -12.92 19.49 -0.36
C GLU A 209 -14.05 18.73 0.33
N PHE A 210 -14.49 17.62 -0.25
CA PHE A 210 -15.49 16.78 0.40
C PHE A 210 -15.00 16.37 1.79
N ALA A 211 -13.75 15.82 1.88
CA ALA A 211 -13.25 15.39 3.19
C ALA A 211 -13.22 16.55 4.23
N GLU A 212 -12.74 17.69 3.80
CA GLU A 212 -12.61 18.89 4.64
C GLU A 212 -13.93 19.49 5.11
N VAL A 213 -14.92 19.53 4.22
N VAL A 213 -14.94 19.46 4.24
CA VAL A 213 -16.19 20.11 4.57
CA VAL A 213 -16.22 20.07 4.51
C VAL A 213 -16.93 19.21 5.57
C VAL A 213 -17.08 19.17 5.40
N THR A 214 -16.69 17.91 5.53
CA THR A 214 -17.42 16.98 6.34
C THR A 214 -16.78 16.65 7.68
N LYS A 215 -15.46 16.46 7.69
CA LYS A 215 -14.69 16.07 8.88
C LYS A 215 -15.41 15.10 9.79
N SER A 216 -15.71 13.93 9.23
CA SER A 216 -16.48 12.94 9.88
C SER A 216 -16.41 11.60 9.14
N ASP A 217 -16.34 10.51 9.90
CA ASP A 217 -16.47 9.15 9.37
C ASP A 217 -17.78 8.47 9.67
N ALA A 218 -18.82 9.25 9.98
CA ALA A 218 -20.07 8.65 10.51
C ALA A 218 -20.72 7.73 9.50
N GLY A 219 -20.56 8.01 8.20
CA GLY A 219 -21.16 7.14 7.14
C GLY A 219 -20.24 6.00 6.67
N TYR A 220 -19.02 5.93 7.24
CA TYR A 220 -18.04 4.92 6.83
C TYR A 220 -18.22 3.75 7.71
N THR A 221 -19.11 2.85 7.32
CA THR A 221 -19.56 1.74 8.14
C THR A 221 -19.38 0.33 7.61
N ALA A 222 -19.37 0.18 6.31
CA ALA A 222 -19.40 -1.17 5.71
C ALA A 222 -18.06 -1.86 5.89
N ALA A 223 -17.01 -1.08 6.19
CA ALA A 223 -15.68 -1.69 6.48
C ALA A 223 -15.48 -1.99 7.96
N ASN A 224 -16.49 -1.78 8.77
CA ASN A 224 -16.34 -2.03 10.20
C ASN A 224 -16.02 -3.47 10.49
N GLY A 225 -15.01 -3.69 11.32
CA GLY A 225 -14.44 -4.99 11.63
C GLY A 225 -13.34 -5.38 10.68
N TYR A 226 -13.13 -4.57 9.66
CA TYR A 226 -12.08 -4.86 8.68
C TYR A 226 -11.11 -3.70 8.55
N TYR A 227 -11.59 -2.52 8.14
CA TYR A 227 -10.76 -1.36 7.92
C TYR A 227 -11.38 -0.10 8.55
N ASN A 228 -11.75 -0.24 9.84
CA ASN A 228 -12.19 0.97 10.56
C ASN A 228 -11.11 2.05 10.51
N SER A 229 -11.50 3.32 10.60
CA SER A 229 -10.56 4.38 10.74
C SER A 229 -10.21 4.45 12.20
N TRP A 230 -9.12 3.85 12.64
CA TRP A 230 -8.75 3.90 14.09
C TRP A 230 -8.15 5.23 14.43
N SER A 231 -7.22 5.74 13.64
CA SER A 231 -6.51 6.98 13.97
C SER A 231 -7.22 8.30 13.68
N GLY A 232 -8.36 8.22 13.01
CA GLY A 232 -9.07 9.38 12.54
C GLY A 232 -8.50 9.87 11.22
N PHE A 233 -8.98 11.01 10.72
CA PHE A 233 -8.71 11.45 9.34
C PHE A 233 -7.79 12.61 9.21
N TYR A 234 -7.24 13.08 10.34
CA TYR A 234 -6.35 14.24 10.27
C TYR A 234 -5.00 13.94 9.65
N ASP A 235 -4.51 12.71 9.87
CA ASP A 235 -3.29 12.28 9.21
C ASP A 235 -3.56 12.25 7.66
N GLU A 236 -4.70 11.72 7.22
CA GLU A 236 -5.02 11.71 5.79
C GLU A 236 -5.22 13.15 5.24
N LEU A 237 -5.79 14.04 6.06
CA LEU A 237 -5.92 15.41 5.58
C LEU A 237 -4.60 16.06 5.34
N SER A 238 -3.58 15.76 6.17
CA SER A 238 -2.29 16.31 5.84
C SER A 238 -1.63 15.61 4.62
N TRP A 239 -1.67 14.28 4.68
CA TRP A 239 -1.08 13.50 3.58
C TRP A 239 -1.68 13.84 2.24
N ALA A 240 -3.01 13.95 2.14
CA ALA A 240 -3.62 14.29 0.85
C ALA A 240 -3.24 15.73 0.44
N ALA A 241 -3.19 16.66 1.40
CA ALA A 241 -2.82 18.06 1.07
C ALA A 241 -1.39 18.13 0.64
N VAL A 242 -0.50 17.32 1.22
CA VAL A 242 0.89 17.28 0.74
C VAL A 242 0.92 16.91 -0.76
N TRP A 243 0.29 15.81 -1.12
CA TRP A 243 0.30 15.31 -2.52
C TRP A 243 -0.31 16.36 -3.46
N LEU A 244 -1.38 16.98 -2.99
CA LEU A 244 -2.04 18.05 -3.77
C LEU A 244 -1.20 19.32 -3.90
N TYR A 245 -0.47 19.66 -2.83
CA TYR A 245 0.59 20.67 -3.00
C TYR A 245 1.67 20.28 -4.02
N LEU A 246 2.16 19.04 -3.95
CA LEU A 246 3.17 18.61 -4.91
C LEU A 246 2.62 18.58 -6.34
N ALA A 247 1.34 18.32 -6.51
CA ALA A 247 0.73 18.21 -7.82
C ALA A 247 0.34 19.60 -8.38
N THR A 248 0.16 20.61 -7.52
CA THR A 248 -0.48 21.91 -7.93
C THR A 248 0.47 23.07 -7.72
N ASN A 249 1.38 23.00 -6.75
CA ASN A 249 2.12 24.16 -6.31
C ASN A 249 1.22 25.28 -5.76
N ASP A 250 0.03 24.91 -5.33
CA ASP A 250 -0.87 25.85 -4.65
C ASP A 250 -0.56 25.82 -3.12
N SER A 251 -0.02 26.95 -2.65
CA SER A 251 0.49 27.08 -1.27
C SER A 251 -0.63 26.85 -0.23
N THR A 252 -1.90 27.00 -0.58
N THR A 252 -1.89 26.95 -0.63
CA THR A 252 -2.96 26.77 0.38
CA THR A 252 -3.01 26.77 0.27
C THR A 252 -2.88 25.30 0.82
C THR A 252 -3.13 25.30 0.71
N TYR A 253 -2.60 24.40 -0.12
CA TYR A 253 -2.51 22.99 0.30
C TYR A 253 -1.38 22.77 1.27
N LEU A 254 -0.26 23.47 1.12
CA LEU A 254 0.84 23.29 2.11
C LEU A 254 0.44 23.81 3.48
N THR A 255 -0.31 24.92 3.47
CA THR A 255 -0.83 25.51 4.73
C THR A 255 -1.70 24.51 5.45
N LYS A 256 -2.60 23.86 4.72
N LYS A 256 -2.58 23.88 4.68
CA LYS A 256 -3.48 22.90 5.35
CA LYS A 256 -3.52 22.93 5.22
C LYS A 256 -2.70 21.69 5.86
C LYS A 256 -2.78 21.69 5.78
N ALA A 257 -1.82 21.16 5.02
CA ALA A 257 -1.01 19.98 5.42
C ALA A 257 -0.34 20.27 6.75
N GLU A 258 0.31 21.44 6.80
CA GLU A 258 1.05 21.85 7.99
C GLU A 258 0.14 22.05 9.17
N SER A 259 -1.03 22.65 8.92
CA SER A 259 -1.96 22.93 10.00
C SER A 259 -2.45 21.70 10.72
N TYR A 260 -2.89 20.74 9.91
CA TYR A 260 -3.53 19.56 10.45
C TYR A 260 -2.61 18.69 11.31
N VAL A 261 -1.32 18.98 11.27
CA VAL A 261 -0.35 18.35 12.16
C VAL A 261 -0.74 18.40 13.61
N GLN A 262 -1.49 19.44 14.02
CA GLN A 262 -1.81 19.60 15.43
C GLN A 262 -2.81 18.59 15.89
N ASN A 263 -3.53 18.04 14.93
N ASN A 263 -3.56 18.04 14.94
CA ASN A 263 -4.48 16.98 15.24
CA ASN A 263 -4.50 16.98 15.26
C ASN A 263 -4.06 15.56 14.84
C ASN A 263 -4.05 15.53 14.94
N TRP A 264 -2.76 15.34 14.67
CA TRP A 264 -2.30 14.00 14.35
C TRP A 264 -2.41 13.08 15.51
N PRO A 265 -2.45 11.79 15.25
CA PRO A 265 -2.63 10.78 16.31
C PRO A 265 -1.55 10.91 17.42
N LYS A 266 -2.01 10.90 18.67
CA LYS A 266 -1.15 11.07 19.82
C LYS A 266 -1.00 9.78 20.62
N ILE A 267 0.13 9.66 21.32
CA ILE A 267 0.26 8.64 22.35
C ILE A 267 -0.85 8.92 23.34
N SER A 268 -1.62 7.90 23.65
CA SER A 268 -2.86 8.18 24.34
C SER A 268 -2.64 8.91 25.70
N GLY A 269 -3.47 9.88 25.99
CA GLY A 269 -3.29 10.68 27.17
C GLY A 269 -2.28 11.82 27.07
N SER A 270 -1.62 11.97 25.90
CA SER A 270 -0.51 12.92 25.78
C SER A 270 -0.73 13.92 24.64
N ASN A 271 0.20 14.85 24.52
CA ASN A 271 0.20 15.74 23.41
C ASN A 271 1.32 15.37 22.42
N THR A 272 1.90 14.18 22.58
CA THR A 272 3.04 13.73 21.74
C THR A 272 2.51 12.85 20.59
N ILE A 273 2.88 13.22 19.39
CA ILE A 273 2.52 12.46 18.18
C ILE A 273 3.03 11.04 18.29
N ASP A 274 2.18 10.07 18.00
CA ASP A 274 2.55 8.68 18.19
C ASP A 274 3.53 8.14 17.14
N TYR A 275 4.80 8.01 17.56
CA TYR A 275 5.92 7.54 16.77
C TYR A 275 6.15 6.03 16.88
N LYS A 276 5.36 5.33 17.69
CA LYS A 276 5.59 3.94 18.03
C LYS A 276 4.72 2.97 17.23
N TRP A 277 4.18 3.44 16.12
CA TRP A 277 3.47 2.53 15.24
C TRP A 277 4.20 2.53 13.93
N ALA A 278 3.48 2.54 12.80
CA ALA A 278 4.10 2.53 11.47
C ALA A 278 3.24 3.38 10.53
N HIS A 279 3.83 3.82 9.43
CA HIS A 279 3.11 4.34 8.29
C HIS A 279 2.36 3.16 7.69
N CYS A 280 1.03 3.29 7.51
CA CYS A 280 0.22 2.17 7.11
C CYS A 280 -1.14 2.67 6.65
N TRP A 281 -1.98 1.75 6.15
CA TRP A 281 -3.26 2.14 5.57
C TRP A 281 -4.13 3.00 6.50
N ASP A 282 -3.95 2.84 7.81
CA ASP A 282 -4.71 3.57 8.77
C ASP A 282 -4.08 4.89 9.13
N ASP A 283 -2.78 4.94 9.21
CA ASP A 283 -2.08 6.10 9.77
C ASP A 283 -0.97 6.47 8.89
N VAL A 284 -1.11 7.61 8.17
CA VAL A 284 -0.16 8.05 7.18
C VAL A 284 0.61 9.26 7.63
N HIS A 285 0.58 9.56 8.94
CA HIS A 285 1.25 10.81 9.38
C HIS A 285 2.78 10.76 9.21
N ASN A 286 3.39 9.60 9.36
CA ASN A 286 4.83 9.57 9.30
C ASN A 286 5.34 9.89 7.90
N GLY A 287 4.68 9.33 6.89
CA GLY A 287 5.02 9.71 5.52
C GLY A 287 4.74 11.19 5.20
N ALA A 288 3.65 11.71 5.76
CA ALA A 288 3.34 13.13 5.63
C ALA A 288 4.42 14.00 6.27
N ALA A 289 4.92 13.59 7.42
CA ALA A 289 5.98 14.31 8.13
C ALA A 289 7.22 14.31 7.31
N LEU A 290 7.56 13.16 6.77
CA LEU A 290 8.80 12.97 5.99
C LEU A 290 8.75 13.95 4.79
N LEU A 291 7.64 13.97 4.06
CA LEU A 291 7.54 14.81 2.86
C LEU A 291 7.48 16.33 3.26
N LEU A 292 6.84 16.66 4.41
CA LEU A 292 6.82 18.03 4.90
C LEU A 292 8.24 18.47 5.34
N ALA A 293 9.04 17.57 5.92
CA ALA A 293 10.45 17.86 6.20
C ALA A 293 11.19 18.17 4.91
N LYS A 294 10.97 17.36 3.88
CA LYS A 294 11.64 17.68 2.58
C LYS A 294 11.21 18.97 1.87
N ILE A 295 9.93 19.27 1.96
CA ILE A 295 9.35 20.42 1.29
C ILE A 295 9.78 21.73 2.03
N THR A 296 9.67 21.74 3.35
CA THR A 296 9.80 22.98 4.17
C THR A 296 11.14 23.08 4.87
N GLY A 297 11.82 21.97 5.10
CA GLY A 297 13.08 21.94 5.83
C GLY A 297 12.93 22.17 7.33
N LYS A 298 11.69 22.27 7.82
CA LYS A 298 11.50 22.71 9.20
C LYS A 298 11.85 21.61 10.23
N ASP A 299 12.44 22.02 11.34
CA ASP A 299 12.78 21.11 12.40
C ASP A 299 11.62 20.36 13.02
N ILE A 300 10.45 21.00 13.07
N ILE A 300 10.43 20.97 13.08
CA ILE A 300 9.29 20.36 13.64
CA ILE A 300 9.34 20.28 13.73
C ILE A 300 9.12 18.97 12.98
C ILE A 300 8.95 19.00 12.96
N TYR A 301 9.28 18.92 11.67
CA TYR A 301 8.93 17.71 10.89
C TYR A 301 10.10 16.75 10.98
N LYS A 302 11.33 17.24 10.97
CA LYS A 302 12.47 16.38 11.20
C LYS A 302 12.33 15.67 12.53
N GLN A 303 11.85 16.38 13.54
CA GLN A 303 11.73 15.83 14.89
C GLN A 303 10.72 14.66 14.92
N ILE A 304 9.59 14.80 14.24
CA ILE A 304 8.59 13.77 14.08
C ILE A 304 9.13 12.53 13.43
N ILE A 305 9.58 12.67 12.18
CA ILE A 305 10.04 11.52 11.44
C ILE A 305 11.27 10.89 12.10
N GLU A 306 12.21 11.69 12.62
CA GLU A 306 13.37 11.04 13.30
C GLU A 306 13.02 10.33 14.59
N SER A 307 12.02 10.78 15.35
N SER A 307 12.01 10.79 15.32
CA SER A 307 11.61 10.03 16.54
CA SER A 307 11.61 10.09 16.55
C SER A 307 11.17 8.65 16.12
C SER A 307 11.07 8.72 16.19
N HIS A 308 10.33 8.65 15.08
CA HIS A 308 9.78 7.40 14.57
C HIS A 308 10.86 6.49 14.08
N LEU A 309 11.71 6.97 13.18
CA LEU A 309 12.76 6.16 12.60
C LEU A 309 13.81 5.71 13.66
N ASP A 310 14.13 6.61 14.61
CA ASP A 310 14.97 6.25 15.73
C ASP A 310 14.35 5.16 16.59
N TYR A 311 13.06 5.22 16.89
CA TYR A 311 12.42 4.16 17.63
C TYR A 311 12.54 2.79 16.96
N TRP A 312 12.45 2.79 15.62
CA TRP A 312 12.56 1.58 14.84
C TRP A 312 13.96 1.04 14.70
N THR A 313 14.99 1.89 15.00
CA THR A 313 16.35 1.49 14.75
C THR A 313 17.17 1.41 16.08
N THR A 314 17.86 2.49 16.40
CA THR A 314 18.82 2.52 17.52
C THR A 314 18.14 2.91 18.82
N GLY A 315 16.91 3.43 18.78
CA GLY A 315 16.22 3.84 20.02
C GLY A 315 15.86 5.29 20.02
N TYR A 316 14.76 5.60 20.67
CA TYR A 316 14.35 6.95 20.97
C TYR A 316 13.91 7.06 22.44
N ASN A 317 14.35 8.09 23.16
N ASN A 317 14.52 8.03 23.12
CA ASN A 317 13.90 8.25 24.57
CA ASN A 317 14.26 8.31 24.54
C ASN A 317 14.16 6.96 25.34
C ASN A 317 14.22 7.02 25.31
N GLY A 318 15.25 6.25 25.03
CA GLY A 318 15.50 4.98 25.70
C GLY A 318 14.66 3.72 25.41
N GLU A 319 13.82 3.76 24.38
N GLU A 319 13.90 3.75 24.33
CA GLU A 319 12.95 2.64 24.00
CA GLU A 319 13.12 2.61 23.96
C GLU A 319 13.08 2.38 22.48
C GLU A 319 13.36 2.34 22.47
N ARG A 320 13.13 1.11 22.10
CA ARG A 320 13.20 0.72 20.75
C ARG A 320 12.15 -0.35 20.51
N ILE A 321 11.74 -0.48 19.25
CA ILE A 321 10.87 -1.53 18.83
C ILE A 321 11.51 -2.89 19.18
N LYS A 322 10.67 -3.89 19.44
CA LYS A 322 11.10 -5.28 19.52
C LYS A 322 11.78 -5.73 18.23
N TYR A 323 12.85 -6.54 18.37
CA TYR A 323 13.46 -7.21 17.29
C TYR A 323 13.46 -8.72 17.53
N THR A 324 13.24 -9.45 16.46
CA THR A 324 13.36 -10.87 16.49
C THR A 324 14.82 -11.25 16.57
N PRO A 325 15.10 -12.50 17.00
CA PRO A 325 16.49 -12.88 17.07
C PRO A 325 17.24 -12.76 15.77
N LYS A 326 16.57 -13.04 14.65
CA LYS A 326 17.24 -12.96 13.35
C LYS A 326 17.12 -11.59 12.65
N GLY A 327 16.64 -10.59 13.38
CA GLY A 327 16.87 -9.22 12.93
C GLY A 327 15.64 -8.51 12.33
N LEU A 328 14.47 -9.12 12.41
CA LEU A 328 13.18 -8.43 12.02
C LEU A 328 12.71 -7.46 13.06
N ALA A 329 12.55 -6.20 12.66
CA ALA A 329 11.88 -5.19 13.50
C ALA A 329 10.39 -5.47 13.55
N TRP A 330 9.89 -5.78 14.75
CA TRP A 330 8.60 -6.54 14.88
C TRP A 330 7.62 -5.76 15.63
N LEU A 331 6.65 -5.15 14.91
CA LEU A 331 5.71 -4.22 15.49
C LEU A 331 4.49 -4.97 16.14
N ASP A 332 4.06 -6.06 15.51
CA ASP A 332 2.75 -6.68 15.79
C ASP A 332 2.75 -8.01 15.12
N GLN A 333 1.95 -8.95 15.61
CA GLN A 333 1.98 -10.28 14.96
C GLN A 333 1.18 -10.36 13.68
N TRP A 334 0.35 -9.37 13.40
CA TRP A 334 -0.42 -9.40 12.16
C TRP A 334 0.18 -8.46 11.11
N GLY A 335 0.73 -9.04 10.06
CA GLY A 335 1.43 -8.26 9.02
C GLY A 335 2.72 -7.59 9.46
N SER A 336 3.53 -8.34 10.18
CA SER A 336 4.83 -7.84 10.68
C SER A 336 5.73 -7.39 9.51
N LEU A 337 5.76 -8.15 8.42
CA LEU A 337 6.61 -7.83 7.27
C LEU A 337 6.11 -6.53 6.58
N ARG A 338 4.80 -6.39 6.49
CA ARG A 338 4.15 -5.16 5.97
C ARG A 338 4.66 -3.95 6.71
N TYR A 339 4.68 -4.03 8.04
CA TYR A 339 5.08 -2.89 8.79
C TYR A 339 6.60 -2.62 8.63
N ALA A 340 7.42 -3.67 8.77
CA ALA A 340 8.87 -3.48 8.66
C ALA A 340 9.29 -2.95 7.30
N THR A 341 8.74 -3.53 6.24
CA THR A 341 9.08 -3.16 4.89
C THR A 341 8.61 -1.76 4.51
N THR A 342 7.45 -1.33 5.06
CA THR A 342 7.01 0.03 4.84
C THR A 342 7.95 1.00 5.51
N THR A 343 8.28 0.72 6.78
CA THR A 343 9.17 1.59 7.52
C THR A 343 10.55 1.65 6.80
N ALA A 344 10.99 0.53 6.25
CA ALA A 344 12.19 0.47 5.39
C ALA A 344 12.20 1.53 4.25
N PHE A 345 11.10 1.58 3.51
CA PHE A 345 10.90 2.59 2.49
C PHE A 345 11.00 4.02 3.01
N LEU A 346 10.31 4.33 4.10
CA LEU A 346 10.47 5.65 4.73
C LEU A 346 11.93 5.90 5.09
N ALA A 347 12.58 4.91 5.73
CA ALA A 347 14.01 5.04 6.14
C ALA A 347 14.86 5.42 4.92
N PHE A 348 14.62 4.76 3.77
CA PHE A 348 15.37 5.02 2.55
C PHE A 348 15.12 6.42 2.07
N VAL A 349 13.84 6.82 2.00
CA VAL A 349 13.50 8.14 1.47
C VAL A 349 14.10 9.25 2.32
N TYR A 350 14.04 9.10 3.63
CA TYR A 350 14.59 10.13 4.51
C TYR A 350 16.13 10.13 4.47
N SER A 351 16.76 8.94 4.44
CA SER A 351 18.20 8.92 4.38
C SER A 351 18.75 9.40 3.05
N ASP A 352 17.94 9.36 1.98
CA ASP A 352 18.34 9.93 0.71
C ASP A 352 18.26 11.46 0.71
N TRP A 353 17.63 12.05 1.70
CA TRP A 353 17.48 13.46 1.74
C TRP A 353 18.69 14.17 2.29
N VAL A 354 19.06 15.29 1.66
CA VAL A 354 20.21 16.11 2.09
C VAL A 354 20.05 16.62 3.52
N GLY A 355 18.82 16.79 3.97
CA GLY A 355 18.56 17.20 5.33
C GLY A 355 18.69 16.18 6.43
N CYS A 356 18.81 14.91 6.08
CA CYS A 356 19.05 13.88 7.10
C CYS A 356 20.43 14.02 7.74
N PRO A 357 20.51 13.94 9.10
CA PRO A 357 21.79 13.99 9.76
C PRO A 357 22.70 12.90 9.22
N SER A 358 23.96 13.26 9.02
N SER A 358 23.98 13.20 9.01
CA SER A 358 24.88 12.41 8.33
CA SER A 358 24.87 12.19 8.45
C SER A 358 24.88 10.96 8.82
C SER A 358 25.00 10.96 9.31
N THR A 359 25.05 10.82 10.13
N THR A 359 25.07 10.86 10.77
CA THR A 359 25.14 9.51 10.76
CA THR A 359 25.10 9.46 11.24
C THR A 359 23.84 8.69 10.65
C THR A 359 23.82 8.65 10.99
N LYS A 360 22.70 9.37 10.88
CA LYS A 360 21.41 8.70 10.70
C LYS A 360 21.23 8.23 9.28
N LYS A 361 21.88 8.86 8.30
N LYS A 361 21.86 8.88 8.31
CA LYS A 361 21.77 8.37 6.92
CA LYS A 361 21.72 8.48 6.91
C LYS A 361 22.18 6.89 6.92
C LYS A 361 22.17 7.02 6.76
N GLU A 362 23.33 6.60 7.50
N GLU A 362 23.27 6.66 7.44
CA GLU A 362 23.89 5.25 7.46
CA GLU A 362 23.82 5.29 7.40
C GLU A 362 23.04 4.28 8.28
C GLU A 362 22.98 4.31 8.24
N ILE A 363 22.65 4.70 9.46
CA ILE A 363 21.82 3.87 10.35
C ILE A 363 20.48 3.51 9.60
N TYR A 364 19.84 4.53 9.07
CA TYR A 364 18.54 4.35 8.41
C TYR A 364 18.66 3.50 7.14
N ARG A 365 19.66 3.74 6.31
CA ARG A 365 19.83 2.91 5.10
C ARG A 365 20.11 1.44 5.47
N LYS A 366 21.01 1.25 6.41
N LYS A 366 21.01 1.20 6.41
CA LYS A 366 21.35 -0.08 6.87
CA LYS A 366 21.31 -0.17 6.80
C LYS A 366 20.12 -0.81 7.40
C LYS A 366 20.09 -0.87 7.45
N PHE A 367 19.31 -0.12 8.21
CA PHE A 367 18.04 -0.64 8.68
C PHE A 367 17.18 -1.06 7.51
N GLY A 368 16.99 -0.18 6.55
CA GLY A 368 16.12 -0.54 5.43
C GLY A 368 16.61 -1.77 4.70
N GLU A 369 17.92 -1.83 4.35
CA GLU A 369 18.48 -3.02 3.78
C GLU A 369 18.14 -4.29 4.58
N SER A 370 18.33 -4.23 5.88
CA SER A 370 18.20 -5.40 6.73
C SER A 370 16.78 -5.91 6.66
N GLN A 371 15.81 -5.00 6.64
CA GLN A 371 14.41 -5.43 6.65
C GLN A 371 13.98 -6.01 5.31
N ILE A 372 14.43 -5.43 4.21
CA ILE A 372 14.12 -5.98 2.91
C ILE A 372 14.80 -7.33 2.79
N ASP A 373 16.08 -7.42 3.17
CA ASP A 373 16.77 -8.72 3.04
C ASP A 373 16.11 -9.78 3.92
N TYR A 374 15.53 -9.39 5.04
CA TYR A 374 14.77 -10.33 5.89
C TYR A 374 13.55 -10.87 5.13
N ALA A 375 12.79 -9.96 4.52
CA ALA A 375 11.66 -10.39 3.71
C ALA A 375 12.05 -11.36 2.62
N LEU A 376 13.19 -11.10 1.95
CA LEU A 376 13.60 -11.83 0.81
C LEU A 376 14.32 -13.15 1.17
N GLY A 377 14.68 -13.30 2.43
CA GLY A 377 15.21 -14.61 2.87
C GLY A 377 16.48 -14.65 3.72
N SER A 378 16.84 -13.53 4.34
CA SER A 378 18.13 -13.51 5.06
C SER A 378 18.10 -14.46 6.26
N ALA A 379 16.93 -14.77 6.82
CA ALA A 379 16.78 -15.72 7.91
C ALA A 379 16.72 -17.17 7.44
N GLY A 380 16.88 -17.43 6.15
CA GLY A 380 16.92 -18.78 5.65
C GLY A 380 15.74 -19.16 4.73
N ARG A 381 14.75 -18.27 4.67
N ARG A 381 14.59 -18.49 4.83
CA ARG A 381 13.52 -18.56 3.96
CA ARG A 381 13.62 -18.62 3.72
C ARG A 381 12.88 -17.23 3.44
C ARG A 381 12.84 -17.34 3.44
N SER A 382 12.56 -17.19 2.15
CA SER A 382 11.77 -16.11 1.60
C SER A 382 10.40 -16.06 2.14
N PHE A 383 9.91 -14.84 2.31
CA PHE A 383 8.53 -14.63 2.62
C PHE A 383 7.72 -14.07 1.46
N VAL A 384 8.29 -14.14 0.29
CA VAL A 384 7.68 -13.68 -0.93
C VAL A 384 7.31 -14.89 -1.78
N VAL A 385 6.02 -15.02 -2.05
CA VAL A 385 5.51 -16.09 -2.90
C VAL A 385 6.24 -16.12 -4.22
N GLY A 386 6.66 -17.30 -4.65
CA GLY A 386 7.24 -17.39 -5.98
C GLY A 386 8.65 -16.82 -6.17
N PHE A 387 9.29 -16.52 -5.05
CA PHE A 387 10.65 -15.92 -5.03
C PHE A 387 11.53 -16.56 -3.98
N GLY A 388 12.76 -16.80 -4.36
CA GLY A 388 13.79 -17.11 -3.38
C GLY A 388 13.75 -18.54 -2.89
N THR A 389 14.23 -18.75 -1.67
CA THR A 389 14.33 -20.04 -1.02
C THR A 389 13.16 -20.37 -0.20
N ASN A 390 12.61 -21.54 -0.49
CA ASN A 390 11.48 -22.08 0.24
C ASN A 390 10.41 -21.00 0.54
N PRO A 391 9.94 -20.32 -0.51
CA PRO A 391 8.87 -19.33 -0.28
C PRO A 391 7.53 -19.92 0.13
N PRO A 392 6.64 -19.09 0.68
CA PRO A 392 5.30 -19.56 0.99
C PRO A 392 4.63 -20.17 -0.23
N LYS A 393 3.99 -21.32 -0.05
CA LYS A 393 3.30 -22.01 -1.10
C LYS A 393 1.78 -22.10 -0.90
N ARG A 394 1.31 -21.79 0.30
CA ARG A 394 -0.13 -21.91 0.65
C ARG A 394 -0.63 -20.61 1.26
N PRO A 395 -0.35 -19.47 0.61
CA PRO A 395 -0.92 -18.21 1.17
C PRO A 395 -2.44 -18.28 1.28
N HIS A 396 -2.97 -17.53 2.23
CA HIS A 396 -4.43 -17.46 2.46
C HIS A 396 -5.04 -16.60 1.42
N HIS A 397 -5.37 -17.22 0.28
CA HIS A 397 -5.81 -16.52 -0.93
C HIS A 397 -6.70 -17.44 -1.75
N ARG A 398 -7.98 -17.02 -1.88
CA ARG A 398 -9.02 -17.81 -2.53
C ARG A 398 -8.67 -18.11 -4.00
N THR A 399 -8.39 -17.06 -4.72
CA THR A 399 -8.21 -17.14 -6.18
C THR A 399 -6.92 -17.91 -6.57
N ALA A 400 -5.82 -17.73 -5.84
CA ALA A 400 -4.57 -18.48 -6.09
C ALA A 400 -4.80 -19.96 -5.84
N HIS A 401 -5.53 -20.30 -4.79
CA HIS A 401 -5.80 -21.65 -4.43
C HIS A 401 -6.66 -22.37 -5.45
N SER A 402 -7.76 -21.74 -5.80
CA SER A 402 -8.71 -22.14 -6.84
C SER A 402 -9.48 -23.43 -6.57
N SER A 403 -10.12 -23.51 -5.40
CA SER A 403 -10.95 -24.62 -5.00
C SER A 403 -12.19 -24.69 -5.94
N TRP A 404 -12.56 -25.91 -6.32
CA TRP A 404 -13.84 -26.26 -6.94
C TRP A 404 -14.80 -26.81 -5.94
N ALA A 405 -14.48 -26.84 -4.66
CA ALA A 405 -15.34 -27.52 -3.70
C ALA A 405 -15.62 -26.68 -2.47
N ASP A 406 -15.48 -25.36 -2.57
CA ASP A 406 -15.72 -24.48 -1.40
C ASP A 406 -14.99 -24.97 -0.12
N SER A 407 -13.73 -25.34 -0.32
CA SER A 407 -12.94 -25.97 0.71
C SER A 407 -11.48 -25.50 0.61
N GLN A 408 -10.91 -25.11 1.76
CA GLN A 408 -9.47 -24.83 1.79
C GLN A 408 -8.59 -26.05 1.60
N SER A 409 -9.15 -27.23 1.80
CA SER A 409 -8.36 -28.43 1.67
C SER A 409 -8.38 -29.07 0.28
N ILE A 410 -9.15 -28.53 -0.66
CA ILE A 410 -9.33 -29.12 -1.96
C ILE A 410 -9.14 -28.02 -3.01
N PRO A 411 -8.07 -28.09 -3.80
CA PRO A 411 -6.99 -29.06 -3.80
C PRO A 411 -5.99 -28.83 -2.65
N SER A 412 -5.14 -29.81 -2.43
CA SER A 412 -4.10 -29.72 -1.38
C SER A 412 -3.04 -28.70 -1.66
N TYR A 413 -2.77 -28.48 -2.93
CA TYR A 413 -1.81 -27.45 -3.37
C TYR A 413 -2.48 -26.35 -4.15
N HIS A 414 -1.97 -25.13 -4.04
CA HIS A 414 -2.56 -24.03 -4.82
C HIS A 414 -2.38 -24.32 -6.31
N ARG A 415 -3.41 -24.07 -7.10
N ARG A 415 -3.43 -24.04 -7.06
CA ARG A 415 -3.27 -24.27 -8.55
CA ARG A 415 -3.37 -24.16 -8.51
C ARG A 415 -2.53 -23.11 -9.21
C ARG A 415 -2.43 -23.14 -9.11
N HIS A 416 -2.39 -21.95 -8.54
CA HIS A 416 -1.68 -20.83 -9.15
C HIS A 416 -0.70 -20.21 -8.21
N THR A 417 0.43 -19.79 -8.73
CA THR A 417 1.49 -19.13 -7.95
C THR A 417 1.29 -17.66 -7.93
N LEU A 418 1.10 -17.13 -6.70
CA LEU A 418 0.89 -15.69 -6.56
C LEU A 418 2.22 -14.94 -6.48
N TYR A 419 2.96 -14.90 -7.60
CA TYR A 419 4.25 -14.32 -7.63
C TYR A 419 4.21 -12.93 -7.00
N GLY A 420 5.26 -12.70 -6.20
CA GLY A 420 5.48 -11.40 -5.54
C GLY A 420 4.79 -11.08 -4.26
N ALA A 421 3.87 -11.92 -3.81
CA ALA A 421 3.03 -11.60 -2.69
C ALA A 421 3.86 -11.70 -1.43
N LEU A 422 3.93 -10.63 -0.68
CA LEU A 422 4.58 -10.60 0.63
C LEU A 422 3.54 -11.11 1.64
N VAL A 423 3.86 -12.20 2.33
CA VAL A 423 2.98 -12.73 3.36
C VAL A 423 3.05 -11.91 4.64
N GLY A 424 2.12 -12.19 5.55
CA GLY A 424 2.09 -11.44 6.79
C GLY A 424 3.38 -11.49 7.57
N GLY A 425 3.90 -12.68 7.76
CA GLY A 425 5.23 -12.81 8.32
C GLY A 425 5.33 -13.69 9.53
N PRO A 426 6.55 -13.84 10.07
CA PRO A 426 6.85 -14.75 11.12
C PRO A 426 6.29 -14.29 12.46
N GLY A 427 6.30 -15.18 13.41
CA GLY A 427 6.30 -14.88 14.81
C GLY A 427 7.48 -14.08 15.35
N SER A 428 7.35 -13.63 16.60
CA SER A 428 8.31 -12.78 17.23
C SER A 428 9.59 -13.50 17.45
N ASP A 429 9.57 -14.83 17.31
CA ASP A 429 10.72 -15.73 17.42
C ASP A 429 11.26 -16.20 16.07
N ASP A 430 10.89 -15.49 14.99
CA ASP A 430 11.26 -15.87 13.63
C ASP A 430 10.54 -17.11 13.07
N SER A 431 9.64 -17.72 13.82
CA SER A 431 9.08 -18.98 13.34
C SER A 431 8.05 -18.62 12.26
N TYR A 432 7.78 -19.60 11.41
CA TYR A 432 6.68 -19.45 10.49
CA TYR A 432 6.83 -19.47 10.29
C TYR A 432 6.24 -20.84 10.03
N THR A 433 4.99 -20.96 9.69
N THR A 433 4.95 -20.83 9.75
CA THR A 433 4.49 -22.19 9.09
CA THR A 433 4.16 -21.99 9.28
C THR A 433 4.06 -21.68 7.71
C THR A 433 3.29 -21.62 8.04
N ASP A 434 3.30 -22.46 7.02
CA ASP A 434 2.80 -22.03 5.69
C ASP A 434 1.46 -22.74 5.47
N ASP A 435 0.45 -22.18 6.11
CA ASP A 435 -0.89 -22.77 6.15
C ASP A 435 -1.86 -21.88 5.45
N ILE A 436 -2.66 -22.48 4.58
CA ILE A 436 -3.75 -21.76 3.94
C ILE A 436 -4.73 -21.17 4.93
N SER A 437 -4.95 -21.81 6.06
CA SER A 437 -5.93 -21.34 6.99
C SER A 437 -5.46 -20.23 7.92
N ASN A 438 -4.16 -19.96 7.90
CA ASN A 438 -3.58 -18.99 8.85
C ASN A 438 -3.55 -17.59 8.23
N TYR A 439 -4.64 -16.85 8.45
CA TYR A 439 -4.78 -15.51 7.87
C TYR A 439 -4.06 -14.42 8.68
N VAL A 440 -3.43 -14.79 9.77
CA VAL A 440 -2.60 -13.87 10.55
C VAL A 440 -1.21 -13.76 9.98
N ASN A 441 -0.51 -14.89 9.82
CA ASN A 441 0.81 -14.91 9.36
C ASN A 441 0.91 -15.14 7.82
N ASN A 442 -0.15 -15.65 7.20
CA ASN A 442 -0.05 -16.13 5.81
C ASN A 442 -1.07 -15.55 4.87
N GLU A 443 -1.73 -14.45 5.26
CA GLU A 443 -2.45 -13.74 4.24
C GLU A 443 -1.53 -12.80 3.49
N VAL A 444 -2.04 -12.33 2.36
CA VAL A 444 -1.32 -11.43 1.46
C VAL A 444 -2.29 -10.26 1.21
N ALA A 445 -1.82 -9.07 0.85
CA ALA A 445 -2.74 -7.92 0.72
C ALA A 445 -2.10 -6.81 -0.09
N CYS A 446 -2.94 -5.96 -0.70
CA CYS A 446 -2.51 -4.79 -1.35
C CYS A 446 -1.56 -3.95 -0.50
N ASP A 447 -1.98 -3.64 0.71
CA ASP A 447 -1.18 -2.77 1.56
C ASP A 447 0.13 -3.43 2.02
N TYR A 448 0.21 -4.75 2.03
CA TYR A 448 1.43 -5.45 2.42
C TYR A 448 2.50 -5.22 1.37
N ASN A 449 2.14 -5.15 0.07
CA ASN A 449 3.09 -4.99 -0.99
C ASN A 449 3.47 -3.55 -1.33
N ALA A 450 2.72 -2.58 -0.79
CA ALA A 450 2.76 -1.21 -1.26
C ALA A 450 4.11 -0.53 -0.94
N GLY A 451 4.45 -0.42 0.32
CA GLY A 451 5.72 0.17 0.69
C GLY A 451 6.90 -0.71 0.30
N PHE A 452 6.66 -2.02 0.33
CA PHE A 452 7.63 -3.03 -0.11
C PHE A 452 8.16 -2.78 -1.52
N VAL A 453 7.27 -2.47 -2.44
CA VAL A 453 7.65 -2.13 -3.79
C VAL A 453 8.60 -0.88 -3.87
N GLY A 454 8.32 0.18 -3.10
CA GLY A 454 9.23 1.32 -3.04
C GLY A 454 10.59 0.95 -2.50
N ALA A 455 10.60 0.15 -1.44
CA ALA A 455 11.85 -0.24 -0.80
C ALA A 455 12.65 -1.14 -1.76
N LEU A 456 12.01 -2.05 -2.46
CA LEU A 456 12.68 -2.88 -3.40
C LEU A 456 13.26 -2.07 -4.55
N ALA A 457 12.57 -1.01 -4.98
CA ALA A 457 13.17 -0.15 -6.02
C ALA A 457 14.49 0.50 -5.54
N LYS A 458 14.54 0.97 -4.30
CA LYS A 458 15.76 1.52 -3.73
C LYS A 458 16.83 0.43 -3.70
N MET A 459 16.49 -0.77 -3.21
CA MET A 459 17.50 -1.84 -3.17
C MET A 459 18.04 -2.19 -4.59
N TYR A 460 17.17 -2.24 -5.58
CA TYR A 460 17.61 -2.43 -6.95
C TYR A 460 18.54 -1.31 -7.41
N GLN A 461 18.18 -0.07 -7.09
N GLN A 461 18.21 -0.07 -7.04
CA GLN A 461 19.05 1.08 -7.39
CA GLN A 461 19.07 1.06 -7.37
C GLN A 461 20.45 0.82 -6.81
C GLN A 461 20.46 0.91 -6.78
N LEU A 462 20.53 0.45 -5.54
CA LEU A 462 21.77 0.25 -4.87
C LEU A 462 22.54 -0.97 -5.39
N TYR A 463 21.87 -2.13 -5.50
CA TYR A 463 22.55 -3.43 -5.63
C TYR A 463 22.22 -4.25 -6.85
N GLY A 464 21.26 -3.80 -7.66
CA GLY A 464 20.87 -4.46 -8.88
C GLY A 464 20.25 -5.82 -8.68
N GLY A 465 20.52 -6.70 -9.62
CA GLY A 465 19.84 -7.99 -9.75
C GLY A 465 18.90 -7.83 -10.89
N ASN A 466 19.06 -8.62 -11.94
CA ASN A 466 18.24 -8.43 -13.13
C ASN A 466 16.87 -9.07 -13.06
N PRO A 467 15.81 -8.34 -13.45
CA PRO A 467 14.50 -8.95 -13.64
C PRO A 467 14.59 -10.12 -14.63
N ILE A 468 13.67 -11.09 -14.53
CA ILE A 468 13.59 -12.15 -15.53
C ILE A 468 13.05 -11.49 -16.78
N PRO A 469 13.79 -11.58 -17.89
CA PRO A 469 13.33 -10.73 -19.01
C PRO A 469 11.95 -11.08 -19.57
N ASP A 470 11.08 -10.09 -19.66
N ASP A 470 11.03 -10.12 -19.65
CA ASP A 470 9.72 -10.26 -20.17
CA ASP A 470 9.72 -10.31 -20.25
C ASP A 470 9.10 -11.51 -19.51
C ASP A 470 8.87 -11.35 -19.47
N PHE A 471 9.19 -11.56 -18.19
CA PHE A 471 8.55 -12.65 -17.41
C PHE A 471 7.05 -12.39 -17.34
N LYS A 472 6.27 -13.41 -17.65
CA LYS A 472 4.84 -13.39 -17.55
C LYS A 472 4.42 -14.69 -16.81
N ALA A 473 3.41 -14.60 -15.92
CA ALA A 473 2.96 -15.71 -15.11
C ALA A 473 1.95 -16.45 -15.97
N ILE A 474 2.48 -17.31 -16.86
N ILE A 474 2.52 -17.26 -16.89
CA ILE A 474 1.61 -17.99 -17.80
CA ILE A 474 1.72 -18.07 -17.82
C ILE A 474 1.63 -19.48 -17.53
C ILE A 474 1.64 -19.50 -17.36
N GLU A 475 0.44 -20.05 -17.42
CA GLU A 475 0.30 -21.50 -17.12
C GLU A 475 0.19 -22.28 -18.39
#